data_6ZCW
#
_entry.id   6ZCW
#
_cell.length_a   105.280
_cell.length_b   105.280
_cell.length_c   187.130
_cell.angle_alpha   90.000
_cell.angle_beta   90.000
_cell.angle_gamma   90.000
#
_symmetry.space_group_name_H-M   'P 43 21 2'
#
loop_
_entity.id
_entity.type
_entity.pdbx_description
1 polymer 'Quinoprotein ethanol dehydrogenase'
2 non-polymer 'PYRROLOQUINOLINE QUINONE'
3 non-polymer 'PRASEODYMIUM ION'
4 water water
#
_entity_poly.entity_id   1
_entity_poly.type   'polypeptide(L)'
_entity_poly.pdbx_seq_one_letter_code
;MAVSNEEILQDPKNPQQIVTNGLGVQGQRYSPLDLLNVNNVKELRPVWAFSFGGQKQRGQQAQPLIKDGVMYLTGSYSRV
FAVDARTGKKLWQYDARLPDDIRPCCDVINRGVALYGNLVFFGTLDAKLVALNKDTGKVVWSKKVADHKEGYSISAAPMI
VNGKLITGVAGGEFGVVGKIQAYNPENGELLWMRPTVEGHMGYVYKDGKAIENGISGGEAGKTWPGDLWKTGGAAPWLGG
YYDPETNLILFGTGNPAPWNSHLRPGDNLYSSSRLALNPDDGTIKWHFQSTPHDGWDFDGVNELISFNYKDGGKEVKAAA
TADRNGFFYVLDRTNGKFIRGFPFVDKITWATGLDKDGRPIYNDASRPGAPGSEAKGSSVFVAPAFLGAKNWMPMAYNKD
TGLFYVPSNEWGMDIWNEGIAYKKGAAFLGAGFTIKPLNEDYIGVLRAIDPVSGKEVWRHKNYAPLWGGVLTTKGNLVFT
GTPEGFLQAFNAKTGDKVWEFQTGSGVLGSPVTWEMDGEQYVSVVSGWGGAVPLWGGEVAKRVKDFNQGGMLWTFKLPKQ
LQQTASVKPHHHHHH
;
_entity_poly.pdbx_strand_id   A
#
loop_
_chem_comp.id
_chem_comp.type
_chem_comp.name
_chem_comp.formula
PQQ non-polymer 'PYRROLOQUINOLINE QUINONE' 'C14 H6 N2 O8'
PR non-polymer 'PRASEODYMIUM ION' 'Pr 3'
#
# COMPACT_ATOMS: atom_id res chain seq x y z
N ALA A 2 7.12 3.86 24.80
CA ALA A 2 6.54 2.80 25.62
C ALA A 2 5.86 1.74 24.76
N VAL A 3 6.32 1.54 23.53
CA VAL A 3 5.79 0.47 22.67
C VAL A 3 6.85 -0.60 22.54
N SER A 4 6.55 -1.80 23.04
CA SER A 4 7.48 -2.91 22.96
C SER A 4 7.18 -3.79 21.75
N ASN A 5 8.13 -4.67 21.44
CA ASN A 5 7.88 -5.62 20.36
C ASN A 5 6.74 -6.57 20.72
N GLU A 6 6.66 -7.00 21.99
CA GLU A 6 5.56 -7.87 22.38
C GLU A 6 4.22 -7.16 22.20
N GLU A 7 4.16 -5.86 22.52
CA GLU A 7 2.96 -5.07 22.33
C GLU A 7 2.54 -5.04 20.87
N ILE A 8 3.51 -4.85 19.98
CA ILE A 8 3.24 -4.84 18.54
C ILE A 8 2.67 -6.19 18.10
N LEU A 9 3.26 -7.28 18.58
CA LEU A 9 2.80 -8.62 18.22
C LEU A 9 1.41 -8.94 18.79
N GLN A 10 0.96 -8.19 19.81
CA GLN A 10 -0.36 -8.43 20.39
C GLN A 10 -1.49 -7.78 19.61
N ASP A 11 -1.21 -6.76 18.80
CA ASP A 11 -2.25 -6.15 17.98
C ASP A 11 -2.99 -7.22 17.18
N PRO A 12 -4.33 -7.13 17.04
CA PRO A 12 -5.24 -6.13 17.58
C PRO A 12 -5.92 -6.53 18.89
N LYS A 13 -5.25 -7.31 19.73
CA LYS A 13 -5.85 -7.89 20.93
C LYS A 13 -6.15 -6.87 22.02
N ASN A 14 -5.46 -5.73 22.04
CA ASN A 14 -5.59 -4.77 23.12
C ASN A 14 -6.58 -3.72 22.68
N PRO A 15 -7.80 -3.70 23.22
CA PRO A 15 -8.87 -2.86 22.65
C PRO A 15 -8.55 -1.38 22.65
N GLN A 16 -7.72 -0.90 23.57
N GLN A 16 -7.70 -0.93 23.57
CA GLN A 16 -7.51 0.53 23.74
CA GLN A 16 -7.45 0.49 23.80
C GLN A 16 -6.42 1.10 22.84
C GLN A 16 -6.44 1.08 22.84
N GLN A 17 -5.75 0.28 22.02
CA GLN A 17 -4.65 0.79 21.23
C GLN A 17 -4.54 0.04 19.91
N ILE A 18 -3.94 0.72 18.93
CA ILE A 18 -3.52 0.12 17.67
C ILE A 18 -2.12 0.68 17.40
N VAL A 19 -1.10 -0.18 17.49
CA VAL A 19 0.29 0.27 17.37
C VAL A 19 0.93 -0.24 16.09
N THR A 20 0.12 -0.67 15.13
CA THR A 20 0.64 -1.16 13.86
C THR A 20 -0.20 -0.61 12.72
N ASN A 21 0.47 -0.34 11.61
CA ASN A 21 -0.20 -0.20 10.33
C ASN A 21 -0.79 -1.57 9.97
N GLY A 22 -2.12 -1.64 9.78
CA GLY A 22 -2.77 -2.88 9.45
C GLY A 22 -3.53 -3.58 10.57
N LEU A 23 -3.57 -3.00 11.78
CA LEU A 23 -4.26 -3.61 12.92
C LEU A 23 -3.74 -5.02 13.18
N GLY A 24 -2.44 -5.13 13.33
CA GLY A 24 -1.77 -6.40 13.54
C GLY A 24 -0.67 -6.50 12.49
N VAL A 25 0.39 -7.23 12.84
CA VAL A 25 1.57 -7.25 11.98
C VAL A 25 1.28 -7.88 10.63
N GLN A 26 0.28 -8.77 10.54
CA GLN A 26 -0.04 -9.43 9.28
C GLN A 26 -0.87 -8.56 8.34
N GLY A 27 -1.45 -7.47 8.83
CA GLY A 27 -2.21 -6.56 7.97
C GLY A 27 -3.63 -6.99 7.64
N GLN A 28 -4.27 -7.79 8.50
CA GLN A 28 -5.64 -8.23 8.19
C GLN A 28 -6.66 -7.09 8.28
N ARG A 29 -6.36 -6.02 9.01
CA ARG A 29 -7.27 -4.86 9.12
C ARG A 29 -8.64 -5.28 9.64
N TYR A 30 -8.62 -6.20 10.60
CA TYR A 30 -9.80 -6.71 11.29
C TYR A 30 -9.76 -6.25 12.73
N SER A 31 -10.81 -5.58 13.18
CA SER A 31 -10.91 -5.29 14.60
C SER A 31 -11.80 -6.31 15.30
N PRO A 32 -11.36 -6.87 16.43
CA PRO A 32 -12.25 -7.76 17.19
C PRO A 32 -13.28 -7.03 18.02
N LEU A 33 -13.31 -5.70 17.99
CA LEU A 33 -14.32 -4.97 18.74
C LEU A 33 -15.70 -5.16 18.11
N ASP A 34 -16.71 -5.40 18.95
CA ASP A 34 -18.07 -5.55 18.46
C ASP A 34 -19.07 -4.74 19.26
N LEU A 35 -18.62 -3.66 19.92
CA LEU A 35 -19.58 -2.73 20.50
C LEU A 35 -20.43 -2.10 19.40
N LEU A 36 -19.75 -1.58 18.38
CA LEU A 36 -20.39 -1.10 17.17
C LEU A 36 -20.75 -2.28 16.27
N ASN A 37 -21.99 -2.31 15.79
CA ASN A 37 -22.44 -3.40 14.92
C ASN A 37 -23.48 -2.86 13.95
N VAL A 38 -24.04 -3.77 13.15
CA VAL A 38 -24.96 -3.36 12.09
C VAL A 38 -26.21 -2.72 12.67
N ASN A 39 -26.62 -3.14 13.86
CA ASN A 39 -27.88 -2.65 14.43
C ASN A 39 -27.75 -1.29 15.10
N ASN A 40 -26.56 -0.88 15.51
CA ASN A 40 -26.39 0.43 16.14
C ASN A 40 -25.47 1.38 15.39
N VAL A 41 -24.95 0.99 14.22
CA VAL A 41 -24.04 1.89 13.52
C VAL A 41 -24.73 3.19 13.11
N LYS A 42 -26.07 3.19 13.03
CA LYS A 42 -26.78 4.44 12.75
C LYS A 42 -26.53 5.50 13.82
N GLU A 43 -26.09 5.10 15.01
CA GLU A 43 -25.81 6.04 16.08
C GLU A 43 -24.37 6.53 16.09
N LEU A 44 -23.55 6.10 15.14
CA LEU A 44 -22.18 6.59 15.04
C LEU A 44 -22.19 8.04 14.56
N ARG A 45 -21.44 8.93 15.21
CA ARG A 45 -21.42 10.32 14.79
C ARG A 45 -20.04 10.91 15.08
N PRO A 46 -19.66 11.97 14.37
CA PRO A 46 -18.35 12.61 14.65
C PRO A 46 -18.35 13.22 16.04
N VAL A 47 -17.21 13.12 16.73
CA VAL A 47 -17.06 13.78 18.02
C VAL A 47 -16.03 14.90 18.00
N TRP A 48 -15.09 14.89 17.04
CA TRP A 48 -14.18 16.02 16.83
C TRP A 48 -13.47 15.82 15.51
N ALA A 49 -12.85 16.89 15.02
CA ALA A 49 -12.01 16.82 13.83
C ALA A 49 -10.77 17.69 14.05
N PHE A 50 -9.78 17.51 13.18
CA PHE A 50 -8.47 18.16 13.29
C PHE A 50 -7.98 18.53 11.90
N SER A 51 -7.83 19.84 11.63
CA SER A 51 -7.38 20.26 10.31
C SER A 51 -5.84 20.27 10.25
N PHE A 52 -5.30 19.77 9.12
CA PHE A 52 -3.85 19.72 8.97
C PHE A 52 -3.26 21.10 8.69
N GLY A 53 -4.03 21.99 8.10
CA GLY A 53 -3.59 23.35 7.84
C GLY A 53 -2.43 23.46 6.85
N GLY A 54 -1.71 24.57 6.98
CA GLY A 54 -0.50 24.85 6.23
C GLY A 54 -0.68 25.19 4.77
N GLN A 55 -1.93 25.34 4.30
CA GLN A 55 -2.25 25.46 2.87
C GLN A 55 -1.56 24.35 2.07
N LYS A 56 -1.51 23.18 2.69
CA LYS A 56 -0.87 22.00 2.13
C LYS A 56 -1.91 20.89 2.20
N GLN A 57 -2.50 20.57 1.05
CA GLN A 57 -3.59 19.61 1.01
C GLN A 57 -3.12 18.43 0.16
N ARG A 58 -3.75 18.17 -0.99
CA ARG A 58 -3.45 16.97 -1.79
C ARG A 58 -3.74 15.70 -0.99
N GLY A 59 -3.27 14.54 -1.47
CA GLY A 59 -3.78 13.29 -0.93
C GLY A 59 -3.37 13.04 0.52
N GLN A 60 -4.32 12.51 1.30
CA GLN A 60 -4.08 12.17 2.71
C GLN A 60 -4.35 10.68 2.90
N GLN A 61 -3.29 9.87 2.98
CA GLN A 61 -3.45 8.41 2.98
C GLN A 61 -3.12 7.73 4.29
N ALA A 62 -2.80 8.45 5.35
CA ALA A 62 -2.29 7.78 6.56
C ALA A 62 -3.36 6.97 7.28
N GLN A 63 -2.95 5.82 7.84
CA GLN A 63 -3.74 5.18 8.89
C GLN A 63 -3.20 5.63 10.26
N PRO A 64 -4.01 6.26 11.11
CA PRO A 64 -3.52 6.63 12.44
C PRO A 64 -3.18 5.40 13.27
N LEU A 65 -2.18 5.57 14.15
CA LEU A 65 -1.90 4.66 15.25
C LEU A 65 -2.36 5.33 16.54
N ILE A 66 -2.79 4.52 17.53
CA ILE A 66 -3.30 5.06 18.79
C ILE A 66 -2.61 4.34 19.93
N LYS A 67 -2.00 5.11 20.84
CA LYS A 67 -1.34 4.55 22.02
C LYS A 67 -1.44 5.55 23.17
N ASP A 68 -1.85 5.07 24.35
CA ASP A 68 -1.97 5.89 25.56
C ASP A 68 -2.88 7.10 25.31
N GLY A 69 -3.93 6.91 24.53
CA GLY A 69 -4.87 8.00 24.31
C GLY A 69 -4.36 9.08 23.37
N VAL A 70 -3.30 8.81 22.62
CA VAL A 70 -2.74 9.75 21.65
C VAL A 70 -2.78 9.11 20.27
N MET A 71 -3.21 9.87 19.27
CA MET A 71 -3.18 9.40 17.89
C MET A 71 -1.95 9.98 17.19
N TYR A 72 -1.26 9.13 16.43
CA TYR A 72 -0.07 9.51 15.68
C TYR A 72 -0.34 9.25 14.21
N LEU A 73 -0.18 10.27 13.39
CA LEU A 73 -0.53 10.15 11.98
C LEU A 73 0.33 11.10 11.18
N THR A 74 0.26 10.96 9.86
CA THR A 74 1.01 11.82 8.97
C THR A 74 0.07 12.57 8.04
N GLY A 75 0.61 13.61 7.43
CA GLY A 75 -0.10 14.33 6.40
C GLY A 75 0.74 14.43 5.14
N SER A 76 0.12 14.98 4.10
CA SER A 76 0.81 15.29 2.86
C SER A 76 2.00 16.18 3.13
N TYR A 77 2.97 16.21 2.22
CA TYR A 77 4.15 17.05 2.35
C TYR A 77 4.96 16.72 3.60
N SER A 78 4.99 15.45 3.99
CA SER A 78 5.92 14.96 5.00
C SER A 78 5.73 15.66 6.36
N ARG A 79 4.51 15.58 6.87
CA ARG A 79 4.19 16.13 8.18
C ARG A 79 3.71 15.03 9.12
N VAL A 80 4.02 15.18 10.41
CA VAL A 80 3.55 14.25 11.44
C VAL A 80 2.76 15.03 12.48
N PHE A 81 1.64 14.46 12.92
CA PHE A 81 0.78 15.07 13.93
C PHE A 81 0.59 14.11 15.09
N ALA A 82 0.60 14.64 16.30
CA ALA A 82 0.19 13.90 17.50
C ALA A 82 -1.01 14.61 18.07
N VAL A 83 -2.13 13.88 18.25
CA VAL A 83 -3.43 14.50 18.50
C VAL A 83 -4.09 13.73 19.64
N ASP A 84 -4.66 14.45 20.61
CA ASP A 84 -5.33 13.78 21.71
C ASP A 84 -6.54 13.01 21.19
N ALA A 85 -6.62 11.72 21.53
CA ALA A 85 -7.65 10.88 20.90
C ALA A 85 -9.04 11.22 21.41
N ARG A 86 -9.18 11.72 22.64
CA ARG A 86 -10.50 12.02 23.17
C ARG A 86 -11.00 13.39 22.75
N THR A 87 -10.11 14.38 22.60
CA THR A 87 -10.53 15.76 22.40
C THR A 87 -10.16 16.35 21.06
N GLY A 88 -9.25 15.74 20.32
CA GLY A 88 -8.75 16.34 19.10
C GLY A 88 -7.68 17.41 19.29
N LYS A 89 -7.27 17.68 20.51
CA LYS A 89 -6.30 18.76 20.73
C LYS A 89 -4.92 18.34 20.20
N LYS A 90 -4.28 19.25 19.48
CA LYS A 90 -2.95 18.98 18.97
C LYS A 90 -1.93 18.95 20.10
N LEU A 91 -1.14 17.87 20.16
CA LEU A 91 -0.04 17.78 21.12
C LEU A 91 1.21 18.39 20.54
N TRP A 92 1.53 18.03 19.30
CA TRP A 92 2.65 18.62 18.58
C TRP A 92 2.50 18.27 17.12
N GLN A 93 3.33 18.93 16.31
CA GLN A 93 3.32 18.69 14.88
C GLN A 93 4.76 18.84 14.39
N TYR A 94 5.16 18.01 13.43
CA TYR A 94 6.47 18.09 12.81
C TYR A 94 6.29 18.33 11.32
N ASP A 95 6.94 19.36 10.79
CA ASP A 95 6.92 19.65 9.35
C ASP A 95 8.33 19.44 8.82
N ALA A 96 8.52 18.39 8.04
CA ALA A 96 9.83 18.18 7.44
C ALA A 96 10.16 19.32 6.48
N ARG A 97 11.43 19.75 6.48
CA ARG A 97 11.88 20.71 5.49
C ARG A 97 12.11 19.95 4.18
N LEU A 98 11.29 20.22 3.18
CA LEU A 98 11.46 19.47 1.94
C LEU A 98 12.12 20.34 0.88
N PRO A 99 13.05 19.79 0.12
CA PRO A 99 13.64 20.55 -0.99
C PRO A 99 12.62 20.71 -2.11
N ASP A 100 12.86 21.71 -2.95
N ASP A 100 12.85 21.72 -2.96
CA ASP A 100 11.92 21.98 -4.04
CA ASP A 100 11.91 21.98 -4.03
C ASP A 100 11.96 20.92 -5.13
C ASP A 100 11.99 20.96 -5.17
N ASP A 101 12.99 20.08 -5.17
CA ASP A 101 13.12 19.07 -6.21
C ASP A 101 12.84 17.65 -5.72
N ILE A 102 11.90 17.48 -4.78
CA ILE A 102 11.43 16.13 -4.50
C ILE A 102 10.76 15.57 -5.76
N ARG A 103 10.76 14.24 -5.88
CA ARG A 103 10.31 13.56 -7.10
C ARG A 103 9.34 12.42 -6.82
N PRO A 104 8.23 12.68 -6.13
CA PRO A 104 7.18 11.65 -6.05
C PRO A 104 6.46 11.57 -7.39
N CYS A 105 6.20 10.33 -7.84
CA CYS A 105 5.47 10.17 -9.09
C CYS A 105 4.02 10.59 -8.98
N CYS A 106 3.43 10.40 -7.81
CA CYS A 106 1.98 10.17 -7.70
C CYS A 106 1.39 10.86 -6.48
N ASP A 107 1.79 12.12 -6.28
CA ASP A 107 1.30 13.02 -5.24
C ASP A 107 2.16 12.92 -3.98
N VAL A 108 2.04 13.91 -3.11
CA VAL A 108 2.94 14.10 -1.97
C VAL A 108 2.41 13.35 -0.75
N ILE A 109 2.05 12.08 -0.94
CA ILE A 109 1.29 11.33 0.06
C ILE A 109 2.24 10.64 1.04
N ASN A 110 1.69 10.27 2.20
CA ASN A 110 2.38 9.43 3.16
C ASN A 110 1.37 8.53 3.85
N ARG A 111 1.74 7.28 4.12
CA ARG A 111 0.75 6.31 4.56
C ARG A 111 0.80 6.01 6.05
N GLY A 112 1.70 6.64 6.80
CA GLY A 112 1.61 6.55 8.26
C GLY A 112 2.93 6.41 9.00
N VAL A 113 2.85 6.35 10.32
CA VAL A 113 4.02 6.20 11.17
C VAL A 113 4.14 4.76 11.64
N ALA A 114 5.29 4.44 12.23
CA ALA A 114 5.44 3.31 13.13
C ALA A 114 5.81 3.83 14.52
N LEU A 115 5.61 2.98 15.52
CA LEU A 115 5.92 3.30 16.91
C LEU A 115 6.84 2.23 17.49
N TYR A 116 7.85 2.66 18.23
CA TYR A 116 8.68 1.72 18.99
C TYR A 116 9.38 2.48 20.09
N GLY A 117 9.42 1.87 21.28
CA GLY A 117 9.95 2.58 22.45
C GLY A 117 9.21 3.88 22.64
N ASN A 118 9.96 4.96 22.82
CA ASN A 118 9.38 6.30 22.97
C ASN A 118 9.49 7.13 21.70
N LEU A 119 9.61 6.47 20.55
CA LEU A 119 9.82 7.16 19.28
C LEU A 119 8.66 6.92 18.32
N VAL A 120 8.52 7.87 17.39
CA VAL A 120 7.59 7.82 16.27
C VAL A 120 8.43 7.93 15.00
N PHE A 121 8.22 7.02 14.04
CA PHE A 121 9.04 6.97 12.83
C PHE A 121 8.22 7.19 11.57
N PHE A 122 8.81 7.90 10.61
CA PHE A 122 8.18 7.97 9.29
C PHE A 122 9.25 8.24 8.24
N GLY A 123 8.89 7.99 6.98
CA GLY A 123 9.75 8.28 5.86
C GLY A 123 9.28 9.55 5.18
N THR A 124 10.24 10.32 4.65
CA THR A 124 9.94 11.61 4.03
C THR A 124 9.97 11.52 2.50
N LEU A 125 9.39 12.55 1.87
CA LEU A 125 9.34 12.59 0.41
C LEU A 125 10.70 12.83 -0.21
N ASP A 126 11.69 13.29 0.56
CA ASP A 126 13.06 13.31 0.06
C ASP A 126 13.89 12.12 0.58
N ALA A 127 13.21 11.03 0.93
CA ALA A 127 13.82 9.70 1.16
C ALA A 127 14.71 9.70 2.40
N LYS A 128 14.25 10.36 3.45
CA LYS A 128 14.86 10.22 4.76
C LYS A 128 13.95 9.40 5.66
N LEU A 129 14.57 8.74 6.64
CA LEU A 129 13.86 8.05 7.71
C LEU A 129 14.10 8.84 8.98
N VAL A 130 13.03 9.23 9.66
CA VAL A 130 13.10 10.20 10.74
C VAL A 130 12.45 9.61 11.98
N ALA A 131 13.12 9.76 13.12
CA ALA A 131 12.62 9.35 14.42
C ALA A 131 12.33 10.59 15.25
N LEU A 132 11.09 10.68 15.74
CA LEU A 132 10.63 11.80 16.57
C LEU A 132 10.32 11.32 17.98
N ASN A 133 10.64 12.15 18.97
CA ASN A 133 10.24 11.93 20.35
C ASN A 133 8.70 11.94 20.45
N LYS A 134 8.12 10.86 21.00
CA LYS A 134 6.65 10.77 21.01
C LYS A 134 5.99 11.87 21.83
N ASP A 135 6.68 12.43 22.83
CA ASP A 135 6.06 13.43 23.69
C ASP A 135 6.26 14.87 23.20
N THR A 136 7.38 15.15 22.52
CA THR A 136 7.68 16.52 22.12
C THR A 136 7.64 16.74 20.63
N GLY A 137 7.72 15.69 19.83
CA GLY A 137 7.79 15.83 18.40
C GLY A 137 9.13 16.27 17.85
N LYS A 138 10.16 16.38 18.69
CA LYS A 138 11.47 16.80 18.24
C LYS A 138 12.21 15.64 17.58
N VAL A 139 13.03 15.97 16.58
CA VAL A 139 13.83 14.94 15.91
C VAL A 139 14.85 14.35 16.87
N VAL A 140 14.89 13.02 16.94
CA VAL A 140 15.90 12.31 17.70
C VAL A 140 17.00 11.81 16.79
N TRP A 141 16.64 11.29 15.63
CA TRP A 141 17.65 10.98 14.61
C TRP A 141 16.99 11.03 13.25
N SER A 142 17.84 11.16 12.23
CA SER A 142 17.40 11.22 10.84
C SER A 142 18.48 10.62 9.96
N LYS A 143 18.11 9.77 9.02
CA LYS A 143 19.06 9.15 8.11
C LYS A 143 18.58 9.27 6.68
N LYS A 144 19.52 9.52 5.76
CA LYS A 144 19.21 9.45 4.34
C LYS A 144 19.13 8.00 3.92
N VAL A 145 17.96 7.59 3.44
CA VAL A 145 17.79 6.22 2.95
C VAL A 145 18.32 6.10 1.52
N ALA A 146 18.11 7.13 0.71
CA ALA A 146 18.57 7.15 -0.67
C ALA A 146 18.62 8.59 -1.14
N ASP A 147 19.10 8.80 -2.36
CA ASP A 147 19.33 10.14 -2.90
C ASP A 147 18.08 10.62 -3.63
N HIS A 148 17.39 11.62 -3.07
CA HIS A 148 16.17 12.09 -3.73
C HIS A 148 16.45 12.66 -5.12
N LYS A 149 17.67 13.12 -5.39
CA LYS A 149 17.97 13.68 -6.71
C LYS A 149 18.01 12.60 -7.79
N GLU A 150 18.13 11.33 -7.43
CA GLU A 150 18.02 10.22 -8.37
C GLU A 150 16.59 9.74 -8.56
N GLY A 151 15.62 10.34 -7.87
CA GLY A 151 14.24 9.94 -8.04
C GLY A 151 13.66 9.14 -6.89
N TYR A 152 14.42 8.95 -5.81
CA TYR A 152 13.91 8.22 -4.66
C TYR A 152 13.01 9.10 -3.81
N SER A 153 11.96 8.49 -3.28
CA SER A 153 11.15 9.09 -2.23
C SER A 153 10.71 7.96 -1.31
N ILE A 154 10.03 8.31 -0.23
CA ILE A 154 9.37 7.32 0.61
C ILE A 154 7.95 7.80 0.82
N SER A 155 6.99 6.93 0.54
CA SER A 155 5.58 7.21 0.75
C SER A 155 4.91 6.24 1.72
N ALA A 156 5.53 5.10 2.00
CA ALA A 156 4.93 4.05 2.82
C ALA A 156 5.14 4.30 4.31
N ALA A 157 4.24 3.73 5.11
CA ALA A 157 4.50 3.57 6.53
C ALA A 157 5.61 2.52 6.73
N PRO A 158 6.53 2.76 7.64
CA PRO A 158 7.54 1.74 7.96
C PRO A 158 6.95 0.73 8.93
N MET A 159 7.75 -0.29 9.28
CA MET A 159 7.25 -1.37 10.12
C MET A 159 8.35 -1.78 11.09
N ILE A 160 7.94 -2.35 12.22
CA ILE A 160 8.84 -2.90 13.23
C ILE A 160 8.73 -4.41 13.19
N VAL A 161 9.87 -5.09 13.02
CA VAL A 161 9.92 -6.54 13.08
C VAL A 161 11.10 -6.93 13.95
N ASN A 162 10.85 -7.74 14.97
CA ASN A 162 11.92 -8.23 15.86
C ASN A 162 12.78 -7.06 16.35
N GLY A 163 12.13 -5.95 16.65
CA GLY A 163 12.86 -4.79 17.14
C GLY A 163 13.69 -4.08 16.11
N LYS A 164 13.46 -4.34 14.83
CA LYS A 164 14.14 -3.65 13.73
C LYS A 164 13.14 -2.81 12.96
N LEU A 165 13.56 -1.62 12.56
CA LEU A 165 12.73 -0.68 11.81
C LEU A 165 13.02 -0.82 10.33
N ILE A 166 12.01 -1.16 9.54
CA ILE A 166 12.18 -1.55 8.15
C ILE A 166 11.44 -0.59 7.23
N THR A 167 12.12 -0.10 6.19
CA THR A 167 11.50 0.76 5.19
C THR A 167 11.93 0.33 3.80
N GLY A 168 11.01 0.47 2.85
CA GLY A 168 11.34 0.43 1.44
C GLY A 168 11.57 1.83 0.90
N VAL A 169 11.51 1.95 -0.42
CA VAL A 169 11.65 3.23 -1.12
C VAL A 169 10.73 3.21 -2.33
N ALA A 170 10.51 4.39 -2.90
CA ALA A 170 9.66 4.61 -4.06
C ALA A 170 10.47 5.26 -5.18
N GLY A 171 10.00 5.09 -6.42
CA GLY A 171 10.62 5.80 -7.52
C GLY A 171 10.82 5.03 -8.81
N GLY A 172 10.10 3.92 -8.99
CA GLY A 172 10.27 3.14 -10.22
C GLY A 172 10.03 3.93 -11.50
N GLU A 173 9.11 4.92 -11.44
CA GLU A 173 8.89 5.73 -12.63
C GLU A 173 10.09 6.62 -12.96
N PHE A 174 11.08 6.68 -12.08
CA PHE A 174 12.33 7.41 -12.31
C PHE A 174 13.52 6.47 -12.49
N GLY A 175 13.30 5.17 -12.60
CA GLY A 175 14.40 4.24 -12.77
C GLY A 175 15.32 4.10 -11.57
N VAL A 176 14.80 4.26 -10.35
CA VAL A 176 15.58 3.99 -9.15
C VAL A 176 15.83 2.49 -9.05
N VAL A 177 16.73 2.09 -8.15
CA VAL A 177 16.92 0.68 -7.81
C VAL A 177 16.18 0.41 -6.51
N GLY A 178 15.11 -0.36 -6.57
CA GLY A 178 14.36 -0.67 -5.36
C GLY A 178 15.23 -1.39 -4.34
N LYS A 179 14.97 -1.11 -3.05
N LYS A 179 14.95 -1.11 -3.06
CA LYS A 179 15.71 -1.72 -1.97
CA LYS A 179 15.70 -1.74 -1.97
C LYS A 179 14.92 -1.61 -0.68
C LYS A 179 14.90 -1.63 -0.68
N ILE A 180 15.09 -2.62 0.18
CA ILE A 180 14.50 -2.67 1.52
C ILE A 180 15.65 -2.59 2.51
N GLN A 181 15.45 -1.83 3.59
CA GLN A 181 16.47 -1.42 4.57
C GLN A 181 15.95 -1.68 5.97
N ALA A 182 16.81 -2.20 6.87
CA ALA A 182 16.48 -2.31 8.29
C ALA A 182 17.42 -1.47 9.13
N TYR A 183 16.88 -0.87 10.19
CA TYR A 183 17.59 0.07 11.06
C TYR A 183 17.35 -0.27 12.52
N ASN A 184 18.36 0.02 13.34
CA ASN A 184 18.20 0.03 14.78
C ASN A 184 17.28 1.19 15.14
N PRO A 185 16.11 0.94 15.73
CA PRO A 185 15.14 2.04 15.96
C PRO A 185 15.65 3.09 16.94
N GLU A 186 16.51 2.72 17.88
CA GLU A 186 16.91 3.69 18.90
C GLU A 186 17.87 4.74 18.37
N ASN A 187 18.70 4.40 17.38
CA ASN A 187 19.73 5.34 16.93
C ASN A 187 19.86 5.45 15.41
N GLY A 188 19.05 4.74 14.64
CA GLY A 188 19.14 4.84 13.20
C GLY A 188 20.32 4.14 12.56
N GLU A 189 21.05 3.30 13.29
CA GLU A 189 22.16 2.58 12.67
C GLU A 189 21.62 1.57 11.66
N LEU A 190 22.20 1.56 10.46
CA LEU A 190 21.77 0.64 9.44
C LEU A 190 22.16 -0.79 9.80
N LEU A 191 21.23 -1.73 9.62
CA LEU A 191 21.45 -3.14 9.94
C LEU A 191 21.63 -4.02 8.70
N TRP A 192 20.77 -3.87 7.71
CA TRP A 192 20.97 -4.59 6.45
C TRP A 192 20.24 -3.86 5.33
N MET A 193 20.59 -4.25 4.10
CA MET A 193 19.98 -3.65 2.92
C MET A 193 19.84 -4.74 1.87
N ARG A 194 18.66 -4.83 1.24
CA ARG A 194 18.37 -5.85 0.24
C ARG A 194 17.81 -5.21 -1.02
N PRO A 195 18.53 -5.20 -2.12
CA PRO A 195 17.96 -4.69 -3.37
C PRO A 195 16.89 -5.62 -3.90
N THR A 196 15.88 -5.03 -4.55
CA THR A 196 14.82 -5.81 -5.16
C THR A 196 15.04 -6.06 -6.65
N VAL A 197 16.06 -5.46 -7.23
CA VAL A 197 16.41 -5.68 -8.63
C VAL A 197 17.57 -6.68 -8.70
N GLU A 198 17.38 -7.73 -9.49
CA GLU A 198 18.40 -8.74 -9.70
C GLU A 198 19.71 -8.10 -10.16
N GLY A 199 20.83 -8.55 -9.57
CA GLY A 199 22.16 -8.13 -9.97
C GLY A 199 22.84 -7.22 -8.98
N HIS A 200 22.09 -6.64 -8.04
CA HIS A 200 22.64 -5.71 -7.06
C HIS A 200 22.99 -6.44 -5.77
N MET A 201 24.12 -6.06 -5.17
CA MET A 201 24.59 -6.68 -3.94
C MET A 201 23.78 -6.21 -2.73
N GLY A 202 23.37 -7.15 -1.88
CA GLY A 202 22.81 -6.83 -0.58
C GLY A 202 23.89 -6.91 0.49
N TYR A 203 23.62 -6.29 1.63
CA TYR A 203 24.63 -6.13 2.67
C TYR A 203 24.03 -6.33 4.05
N VAL A 204 24.89 -6.75 4.98
CA VAL A 204 24.66 -6.54 6.40
C VAL A 204 25.73 -5.57 6.89
N TYR A 205 25.46 -4.92 8.02
CA TYR A 205 26.35 -3.88 8.52
C TYR A 205 26.77 -4.23 9.94
N LYS A 206 28.09 -4.23 10.17
CA LYS A 206 28.64 -4.56 11.48
C LYS A 206 29.71 -3.53 11.80
N ASP A 207 29.57 -2.87 12.95
CA ASP A 207 30.53 -1.86 13.40
C ASP A 207 30.73 -0.78 12.34
N GLY A 208 29.63 -0.38 11.71
CA GLY A 208 29.65 0.66 10.71
C GLY A 208 30.21 0.27 9.37
N LYS A 209 30.55 -0.99 9.17
CA LYS A 209 31.15 -1.47 7.93
C LYS A 209 30.14 -2.29 7.15
N ALA A 210 30.12 -2.11 5.82
CA ALA A 210 29.23 -2.86 4.95
C ALA A 210 29.86 -4.20 4.61
N ILE A 211 29.13 -5.29 4.84
CA ILE A 211 29.62 -6.64 4.60
C ILE A 211 28.73 -7.28 3.55
N GLU A 212 29.33 -7.75 2.46
CA GLU A 212 28.56 -8.33 1.36
C GLU A 212 27.72 -9.50 1.87
N ASN A 213 26.49 -9.57 1.40
CA ASN A 213 25.56 -10.61 1.85
C ASN A 213 24.76 -11.17 0.69
N GLY A 214 25.40 -11.32 -0.47
CA GLY A 214 24.79 -11.98 -1.61
C GLY A 214 24.08 -11.06 -2.60
N ILE A 215 24.25 -11.34 -3.88
CA ILE A 215 23.61 -10.60 -4.95
C ILE A 215 22.15 -11.01 -5.05
N SER A 216 21.24 -10.03 -5.09
CA SER A 216 19.84 -10.35 -5.30
C SER A 216 19.65 -11.11 -6.60
N GLY A 217 18.97 -12.24 -6.53
CA GLY A 217 18.76 -13.03 -7.74
C GLY A 217 19.98 -13.72 -8.28
N GLY A 218 21.05 -13.81 -7.49
CA GLY A 218 22.20 -14.61 -7.86
C GLY A 218 23.27 -13.91 -8.69
N GLU A 219 22.89 -13.36 -9.84
CA GLU A 219 23.87 -12.77 -10.75
C GLU A 219 23.17 -11.75 -11.64
N ALA A 220 23.90 -10.68 -11.98
CA ALA A 220 23.33 -9.66 -12.87
C ALA A 220 23.19 -10.21 -14.29
N GLY A 221 22.16 -9.73 -14.98
CA GLY A 221 21.98 -10.05 -16.38
C GLY A 221 21.25 -11.34 -16.67
N LYS A 222 20.66 -11.99 -15.66
CA LYS A 222 19.97 -13.25 -15.91
C LYS A 222 18.59 -13.02 -16.53
N THR A 223 17.83 -12.05 -16.01
CA THR A 223 16.51 -11.75 -16.53
C THR A 223 16.39 -10.28 -16.94
N TRP A 224 17.52 -9.61 -17.13
CA TRP A 224 17.62 -8.26 -17.66
C TRP A 224 18.73 -8.24 -18.70
N PRO A 225 18.58 -7.44 -19.76
CA PRO A 225 19.66 -7.29 -20.73
C PRO A 225 20.63 -6.18 -20.35
N GLY A 226 21.86 -6.32 -20.83
CA GLY A 226 22.83 -5.24 -20.75
C GLY A 226 22.98 -4.72 -19.35
N ASP A 227 22.92 -3.39 -19.19
CA ASP A 227 22.94 -2.75 -17.88
C ASP A 227 21.57 -2.19 -17.49
N LEU A 228 20.49 -2.68 -18.11
CA LEU A 228 19.15 -2.17 -17.77
C LEU A 228 18.81 -2.39 -16.30
N TRP A 229 19.37 -3.43 -15.68
CA TRP A 229 19.10 -3.68 -14.27
C TRP A 229 19.62 -2.57 -13.38
N LYS A 230 20.52 -1.72 -13.88
CA LYS A 230 21.03 -0.61 -13.08
C LYS A 230 19.99 0.48 -12.86
N THR A 231 18.92 0.47 -13.64
CA THR A 231 17.83 1.43 -13.48
C THR A 231 16.49 0.70 -13.45
N GLY A 232 16.48 -0.50 -12.84
CA GLY A 232 15.38 -1.44 -13.04
C GLY A 232 14.09 -1.16 -12.29
N GLY A 233 14.09 -0.25 -11.34
CA GLY A 233 12.84 0.00 -10.63
C GLY A 233 12.54 -1.03 -9.57
N ALA A 234 11.42 -1.74 -9.70
CA ALA A 234 10.98 -2.72 -8.69
C ALA A 234 10.93 -2.11 -7.30
N ALA A 235 10.49 -0.86 -7.20
CA ALA A 235 10.57 -0.17 -5.92
C ALA A 235 9.56 -0.77 -4.95
N PRO A 236 9.97 -1.13 -3.73
CA PRO A 236 9.03 -1.65 -2.72
C PRO A 236 8.38 -0.50 -1.97
N TRP A 237 7.48 0.19 -2.68
CA TRP A 237 7.04 1.51 -2.27
C TRP A 237 5.82 1.52 -1.37
N LEU A 238 5.20 0.36 -1.15
CA LEU A 238 4.01 0.27 -0.33
C LEU A 238 4.31 -0.24 1.07
N GLY A 239 5.56 -0.59 1.33
CA GLY A 239 5.83 -1.24 2.59
C GLY A 239 5.42 -2.70 2.51
N GLY A 240 5.23 -3.30 3.68
CA GLY A 240 4.96 -4.72 3.73
C GLY A 240 4.31 -5.08 5.04
N TYR A 241 4.20 -6.39 5.27
CA TYR A 241 3.64 -6.93 6.49
C TYR A 241 4.52 -8.08 6.95
N TYR A 242 4.17 -8.70 8.06
CA TYR A 242 5.04 -9.67 8.70
C TYR A 242 4.22 -10.82 9.26
N ASP A 243 4.71 -12.05 9.05
CA ASP A 243 4.02 -13.22 9.58
C ASP A 243 4.85 -13.83 10.71
N PRO A 244 4.38 -13.80 11.95
CA PRO A 244 5.17 -14.41 13.03
C PRO A 244 5.30 -15.92 12.91
N GLU A 245 4.34 -16.61 12.28
CA GLU A 245 4.40 -18.07 12.24
C GLU A 245 5.60 -18.55 11.41
N THR A 246 5.82 -17.94 10.25
CA THR A 246 6.96 -18.27 9.42
C THR A 246 8.17 -17.39 9.70
N ASN A 247 8.00 -16.31 10.47
CA ASN A 247 9.04 -15.31 10.69
C ASN A 247 9.55 -14.76 9.37
N LEU A 248 8.61 -14.34 8.51
CA LEU A 248 8.94 -13.77 7.22
C LEU A 248 8.27 -12.42 7.04
N ILE A 249 9.02 -11.45 6.53
N ILE A 249 9.04 -11.45 6.55
CA ILE A 249 8.41 -10.20 6.10
CA ILE A 249 8.50 -10.20 6.03
C ILE A 249 8.00 -10.34 4.64
C ILE A 249 7.96 -10.46 4.64
N LEU A 250 6.77 -9.94 4.36
CA LEU A 250 6.13 -10.10 3.05
C LEU A 250 6.04 -8.71 2.41
N PHE A 251 6.80 -8.51 1.34
N PHE A 251 6.82 -8.51 1.34
N PHE A 251 6.83 -8.51 1.36
CA PHE A 251 7.03 -7.18 0.77
CA PHE A 251 7.05 -7.19 0.76
CA PHE A 251 7.02 -7.20 0.75
C PHE A 251 6.86 -7.26 -0.74
C PHE A 251 6.84 -7.28 -0.75
C PHE A 251 6.79 -7.32 -0.74
N GLY A 252 5.92 -6.47 -1.28
CA GLY A 252 5.71 -6.43 -2.72
C GLY A 252 6.64 -5.42 -3.39
N THR A 253 6.85 -5.57 -4.70
CA THR A 253 7.77 -4.70 -5.43
C THR A 253 7.10 -4.08 -6.63
N GLY A 254 7.61 -2.91 -7.01
CA GLY A 254 7.03 -2.11 -8.07
C GLY A 254 7.30 -2.63 -9.47
N ASN A 255 6.72 -1.94 -10.44
CA ASN A 255 6.93 -2.28 -11.85
C ASN A 255 8.41 -2.18 -12.23
N PRO A 256 8.84 -2.94 -13.24
CA PRO A 256 10.17 -2.73 -13.82
C PRO A 256 10.19 -1.45 -14.63
N ALA A 257 11.33 -0.80 -14.63
CA ALA A 257 11.56 0.41 -15.39
C ALA A 257 12.43 0.11 -16.60
N PRO A 258 12.22 0.79 -17.73
CA PRO A 258 11.16 1.76 -17.99
C PRO A 258 9.83 1.08 -18.32
N TRP A 259 8.76 1.85 -18.57
CA TRP A 259 7.49 1.23 -18.92
C TRP A 259 7.56 0.53 -20.26
N ASN A 260 8.42 0.99 -21.15
CA ASN A 260 8.59 0.39 -22.47
C ASN A 260 9.30 -0.95 -22.30
N SER A 261 8.52 -2.04 -22.29
CA SER A 261 9.09 -3.36 -22.00
C SER A 261 10.00 -3.87 -23.12
N HIS A 262 9.90 -3.31 -24.32
CA HIS A 262 10.74 -3.76 -25.42
C HIS A 262 12.21 -3.44 -25.22
N LEU A 263 12.51 -2.51 -24.32
CA LEU A 263 13.89 -2.18 -23.99
C LEU A 263 14.48 -3.13 -22.95
N ARG A 264 13.67 -3.99 -22.32
CA ARG A 264 14.17 -4.88 -21.27
C ARG A 264 13.59 -6.28 -21.40
N PRO A 265 13.91 -6.99 -22.49
CA PRO A 265 13.48 -8.39 -22.59
C PRO A 265 13.96 -9.19 -21.38
N GLY A 266 13.11 -10.13 -20.94
CA GLY A 266 13.36 -10.95 -19.79
C GLY A 266 12.30 -10.77 -18.72
N ASP A 267 12.30 -11.70 -17.77
CA ASP A 267 11.30 -11.64 -16.70
C ASP A 267 11.51 -10.44 -15.77
N ASN A 268 12.72 -9.85 -15.73
CA ASN A 268 12.99 -8.59 -15.00
C ASN A 268 12.83 -8.74 -13.48
N LEU A 269 13.48 -9.76 -12.90
CA LEU A 269 13.33 -10.00 -11.47
C LEU A 269 14.03 -8.90 -10.65
N TYR A 270 13.51 -8.62 -9.45
CA TYR A 270 12.26 -9.15 -8.91
C TYR A 270 11.12 -8.14 -9.02
N SER A 271 10.99 -7.48 -10.17
CA SER A 271 9.92 -6.52 -10.34
C SER A 271 8.57 -7.24 -10.32
N SER A 272 7.53 -6.46 -9.98
CA SER A 272 6.15 -6.94 -9.90
C SER A 272 6.07 -8.33 -9.26
N SER A 273 6.65 -8.42 -8.05
CA SER A 273 6.71 -9.67 -7.29
C SER A 273 6.37 -9.42 -5.84
N ARG A 274 5.97 -10.50 -5.17
CA ARG A 274 5.95 -10.55 -3.72
C ARG A 274 7.21 -11.27 -3.25
N LEU A 275 7.91 -10.68 -2.29
CA LEU A 275 9.11 -11.25 -1.71
C LEU A 275 8.85 -11.63 -0.25
N ALA A 276 9.40 -12.75 0.18
CA ALA A 276 9.43 -13.09 1.60
C ALA A 276 10.89 -12.99 2.04
N LEU A 277 11.16 -12.17 3.04
CA LEU A 277 12.52 -11.95 3.49
C LEU A 277 12.71 -12.39 4.93
N ASN A 278 13.90 -12.91 5.22
CA ASN A 278 14.34 -13.16 6.58
C ASN A 278 14.63 -11.82 7.26
N PRO A 279 13.92 -11.47 8.34
CA PRO A 279 14.22 -10.20 9.02
C PRO A 279 15.56 -10.19 9.73
N ASP A 280 16.17 -11.35 9.99
CA ASP A 280 17.49 -11.35 10.62
C ASP A 280 18.51 -10.61 9.77
N ASP A 281 18.47 -10.81 8.44
CA ASP A 281 19.57 -10.35 7.62
C ASP A 281 19.15 -9.85 6.25
N GLY A 282 17.86 -9.78 5.95
CA GLY A 282 17.39 -9.27 4.68
C GLY A 282 17.56 -10.19 3.50
N THR A 283 17.82 -11.48 3.72
CA THR A 283 17.93 -12.39 2.58
C THR A 283 16.54 -12.78 2.08
N ILE A 284 16.42 -12.93 0.77
CA ILE A 284 15.14 -13.28 0.16
C ILE A 284 14.98 -14.80 0.26
N LYS A 285 13.89 -15.24 0.88
CA LYS A 285 13.67 -16.68 1.04
C LYS A 285 12.77 -17.27 -0.03
N TRP A 286 11.77 -16.53 -0.50
CA TRP A 286 11.06 -16.94 -1.70
C TRP A 286 10.50 -15.70 -2.39
N HIS A 287 10.10 -15.90 -3.64
CA HIS A 287 9.48 -14.84 -4.43
C HIS A 287 8.37 -15.44 -5.30
N PHE A 288 7.37 -14.61 -5.59
CA PHE A 288 6.32 -14.96 -6.54
C PHE A 288 6.13 -13.75 -7.44
N GLN A 289 6.27 -13.94 -8.74
CA GLN A 289 6.18 -12.82 -9.68
C GLN A 289 4.77 -12.78 -10.28
N SER A 290 4.01 -11.76 -9.90
CA SER A 290 2.63 -11.64 -10.39
C SER A 290 2.58 -11.23 -11.86
N THR A 291 3.45 -10.32 -12.31
CA THR A 291 3.50 -9.94 -13.72
C THR A 291 4.93 -9.99 -14.24
N PRO A 292 5.39 -11.16 -14.69
CA PRO A 292 6.71 -11.24 -15.33
C PRO A 292 6.75 -10.40 -16.60
N HIS A 293 7.88 -9.73 -16.82
CA HIS A 293 8.07 -8.86 -17.98
C HIS A 293 6.88 -7.92 -18.18
N ASP A 294 6.61 -7.16 -17.11
CA ASP A 294 5.46 -6.26 -17.13
C ASP A 294 5.56 -5.28 -18.29
N GLY A 295 4.43 -5.00 -18.93
CA GLY A 295 4.39 -4.00 -19.99
C GLY A 295 3.34 -2.93 -19.76
N TRP A 296 2.81 -2.85 -18.53
CA TRP A 296 1.64 -2.03 -18.25
C TRP A 296 1.73 -1.25 -16.96
N ASP A 297 2.91 -1.17 -16.33
CA ASP A 297 3.04 -0.57 -15.00
C ASP A 297 2.11 -1.25 -14.00
N PHE A 298 2.00 -2.58 -14.11
CA PHE A 298 1.31 -3.39 -13.09
C PHE A 298 2.27 -3.67 -11.94
N ASP A 299 2.51 -2.64 -11.12
CA ASP A 299 3.32 -2.84 -9.91
C ASP A 299 2.82 -4.04 -9.12
N GLY A 300 3.74 -4.75 -8.50
CA GLY A 300 3.36 -5.91 -7.71
C GLY A 300 3.46 -5.66 -6.21
N VAL A 301 3.23 -4.40 -5.81
CA VAL A 301 3.39 -4.05 -4.39
C VAL A 301 2.21 -4.42 -3.53
N ASN A 302 1.06 -4.73 -4.11
CA ASN A 302 -0.16 -4.80 -3.32
C ASN A 302 -0.02 -5.81 -2.19
N GLU A 303 -0.57 -5.44 -1.04
CA GLU A 303 -0.23 -6.13 0.21
C GLU A 303 -0.56 -7.61 0.15
N LEU A 304 0.30 -8.41 0.79
CA LEU A 304 0.12 -9.85 0.86
C LEU A 304 -0.28 -10.18 2.29
N ILE A 305 -1.55 -10.57 2.47
CA ILE A 305 -2.16 -10.66 3.78
C ILE A 305 -2.27 -12.12 4.18
N SER A 306 -1.58 -12.49 5.26
CA SER A 306 -1.63 -13.85 5.80
C SER A 306 -3.01 -14.18 6.34
N PHE A 307 -3.44 -15.41 6.12
CA PHE A 307 -4.66 -15.94 6.73
C PHE A 307 -4.57 -17.46 6.70
N ASN A 308 -5.26 -18.10 7.64
CA ASN A 308 -5.24 -19.55 7.78
C ASN A 308 -6.60 -20.14 7.43
N TYR A 309 -6.58 -21.33 6.85
CA TYR A 309 -7.82 -22.10 6.67
C TYR A 309 -7.48 -23.57 6.56
N LYS A 310 -8.51 -24.40 6.60
CA LYS A 310 -8.38 -25.84 6.52
C LYS A 310 -8.99 -26.33 5.21
N ASP A 311 -8.31 -27.25 4.53
CA ASP A 311 -8.80 -27.73 3.25
C ASP A 311 -9.25 -29.19 3.33
N GLY A 312 -8.30 -30.12 3.28
CA GLY A 312 -8.67 -31.52 3.41
C GLY A 312 -8.51 -31.99 4.84
N GLY A 313 -9.07 -31.23 5.79
CA GLY A 313 -8.62 -31.32 7.16
C GLY A 313 -7.21 -30.82 7.37
N LYS A 314 -6.52 -30.44 6.30
CA LYS A 314 -5.15 -29.96 6.37
C LYS A 314 -5.15 -28.46 6.62
N GLU A 315 -4.28 -28.03 7.54
CA GLU A 315 -4.16 -26.61 7.86
C GLU A 315 -3.30 -25.92 6.79
N VAL A 316 -3.85 -24.88 6.18
CA VAL A 316 -3.18 -24.15 5.10
C VAL A 316 -2.77 -22.79 5.64
N LYS A 317 -1.48 -22.50 5.58
CA LYS A 317 -0.94 -21.17 5.92
C LYS A 317 -0.89 -20.39 4.63
N ALA A 318 -1.93 -19.61 4.35
CA ALA A 318 -2.06 -18.95 3.06
C ALA A 318 -1.75 -17.46 3.20
N ALA A 319 -1.67 -16.80 2.06
CA ALA A 319 -1.66 -15.34 2.02
C ALA A 319 -2.28 -14.89 0.71
N ALA A 320 -3.03 -13.80 0.76
CA ALA A 320 -3.80 -13.34 -0.40
C ALA A 320 -3.37 -11.94 -0.81
N THR A 321 -3.47 -11.68 -2.11
CA THR A 321 -3.18 -10.35 -2.61
C THR A 321 -4.04 -10.07 -3.83
N ALA A 322 -4.60 -8.86 -3.89
CA ALA A 322 -5.42 -8.41 -5.01
C ALA A 322 -4.54 -7.51 -5.86
N ASP A 323 -4.07 -8.04 -7.00
CA ASP A 323 -2.99 -7.38 -7.74
C ASP A 323 -3.49 -6.27 -8.64
N ARG A 324 -2.59 -5.31 -8.93
CA ARG A 324 -2.83 -4.31 -9.96
C ARG A 324 -3.30 -4.95 -11.27
N ASN A 325 -2.80 -6.14 -11.60
CA ASN A 325 -3.03 -6.73 -12.91
C ASN A 325 -4.41 -7.36 -13.06
N GLY A 326 -5.25 -7.36 -12.01
CA GLY A 326 -6.60 -7.88 -12.10
C GLY A 326 -6.81 -9.25 -11.51
N PHE A 327 -5.74 -9.96 -11.15
CA PHE A 327 -5.88 -11.28 -10.57
C PHE A 327 -5.75 -11.21 -9.05
N PHE A 328 -6.57 -12.00 -8.38
CA PHE A 328 -6.52 -12.19 -6.93
C PHE A 328 -5.75 -13.49 -6.68
N TYR A 329 -4.62 -13.40 -5.99
CA TYR A 329 -3.73 -14.55 -5.78
C TYR A 329 -3.81 -15.05 -4.35
N VAL A 330 -3.77 -16.37 -4.20
CA VAL A 330 -3.64 -17.03 -2.91
C VAL A 330 -2.39 -17.89 -3.00
N LEU A 331 -1.43 -17.64 -2.10
CA LEU A 331 -0.17 -18.36 -2.08
C LEU A 331 -0.02 -19.12 -0.77
N ASP A 332 0.76 -20.18 -0.81
CA ASP A 332 1.27 -20.83 0.40
C ASP A 332 2.38 -19.94 0.94
N ARG A 333 2.16 -19.32 2.11
CA ARG A 333 3.12 -18.32 2.54
C ARG A 333 4.38 -18.94 3.16
N THR A 334 4.40 -20.24 3.42
CA THR A 334 5.62 -20.87 3.91
C THR A 334 6.69 -20.96 2.83
N ASN A 335 6.28 -21.08 1.56
CA ASN A 335 7.23 -21.32 0.49
C ASN A 335 6.94 -20.53 -0.78
N GLY A 336 5.89 -19.70 -0.78
CA GLY A 336 5.59 -18.88 -1.93
C GLY A 336 4.89 -19.59 -3.07
N LYS A 337 4.52 -20.85 -2.91
CA LYS A 337 3.95 -21.57 -4.05
C LYS A 337 2.49 -21.19 -4.28
N PHE A 338 2.14 -21.13 -5.56
CA PHE A 338 0.81 -20.74 -6.01
C PHE A 338 -0.23 -21.76 -5.57
N ILE A 339 -1.31 -21.29 -4.96
CA ILE A 339 -2.46 -22.14 -4.64
C ILE A 339 -3.58 -21.93 -5.64
N ARG A 340 -4.03 -20.67 -5.81
CA ARG A 340 -5.07 -20.36 -6.78
C ARG A 340 -4.97 -18.88 -7.13
N GLY A 341 -5.54 -18.55 -8.28
CA GLY A 341 -5.54 -17.17 -8.73
C GLY A 341 -6.68 -16.97 -9.71
N PHE A 342 -7.40 -15.86 -9.62
CA PHE A 342 -8.62 -15.69 -10.39
C PHE A 342 -8.90 -14.21 -10.53
N PRO A 343 -9.57 -13.79 -11.60
CA PRO A 343 -9.88 -12.37 -11.77
C PRO A 343 -10.79 -11.86 -10.65
N PHE A 344 -10.51 -10.64 -10.18
CA PHE A 344 -11.44 -9.96 -9.30
C PHE A 344 -12.01 -8.69 -9.93
N VAL A 345 -11.74 -8.44 -11.21
CA VAL A 345 -12.44 -7.42 -11.99
C VAL A 345 -13.08 -8.10 -13.18
N ASP A 346 -14.00 -7.39 -13.81
CA ASP A 346 -14.87 -7.99 -14.83
C ASP A 346 -14.24 -8.04 -16.21
N LYS A 347 -13.10 -7.40 -16.43
CA LYS A 347 -12.48 -7.37 -17.74
C LYS A 347 -10.98 -7.36 -17.60
N ILE A 348 -10.33 -8.36 -18.19
CA ILE A 348 -8.88 -8.44 -18.26
C ILE A 348 -8.51 -8.81 -19.70
N THR A 349 -7.66 -7.99 -20.33
CA THR A 349 -7.29 -8.24 -21.73
C THR A 349 -5.87 -8.73 -21.91
N TRP A 350 -4.98 -8.49 -20.95
CA TRP A 350 -3.56 -8.74 -21.17
C TRP A 350 -3.17 -10.20 -20.95
N ALA A 351 -4.01 -10.97 -20.27
CA ALA A 351 -3.78 -12.39 -20.07
C ALA A 351 -5.11 -13.11 -20.15
N THR A 352 -5.08 -14.37 -20.60
CA THR A 352 -6.29 -15.18 -20.70
C THR A 352 -6.46 -16.11 -19.51
N GLY A 353 -5.52 -16.12 -18.59
CA GLY A 353 -5.56 -17.01 -17.45
C GLY A 353 -4.18 -17.14 -16.85
N LEU A 354 -4.06 -18.11 -15.94
CA LEU A 354 -2.80 -18.41 -15.28
C LEU A 354 -2.47 -19.88 -15.46
N ASP A 355 -1.18 -20.21 -15.53
CA ASP A 355 -0.80 -21.61 -15.66
C ASP A 355 -0.73 -22.24 -14.27
N LYS A 356 -0.31 -23.51 -14.22
CA LYS A 356 -0.35 -24.26 -12.97
C LYS A 356 0.56 -23.68 -11.90
N ASP A 357 1.56 -22.89 -12.29
CA ASP A 357 2.47 -22.28 -11.34
C ASP A 357 2.09 -20.83 -11.02
N GLY A 358 1.01 -20.33 -11.60
CA GLY A 358 0.58 -18.97 -11.35
C GLY A 358 1.16 -17.94 -12.30
N ARG A 359 1.88 -18.36 -13.32
CA ARG A 359 2.40 -17.45 -14.33
C ARG A 359 1.32 -17.11 -15.34
N PRO A 360 1.24 -15.87 -15.80
CA PRO A 360 0.19 -15.51 -16.75
C PRO A 360 0.33 -16.26 -18.06
N ILE A 361 -0.82 -16.53 -18.66
CA ILE A 361 -0.91 -16.94 -20.06
C ILE A 361 -1.21 -15.66 -20.84
N TYR A 362 -0.22 -15.14 -21.55
CA TYR A 362 -0.29 -13.78 -22.09
C TYR A 362 -1.10 -13.72 -23.38
N ASN A 363 -1.84 -12.63 -23.54
CA ASN A 363 -2.43 -12.26 -24.82
C ASN A 363 -1.52 -11.20 -25.44
N ASP A 364 -0.68 -11.62 -26.39
CA ASP A 364 0.37 -10.72 -26.85
C ASP A 364 -0.17 -9.53 -27.63
N ALA A 365 -1.39 -9.64 -28.16
CA ALA A 365 -2.00 -8.50 -28.85
C ALA A 365 -2.33 -7.37 -27.89
N SER A 366 -2.32 -7.64 -26.57
CA SER A 366 -2.63 -6.63 -25.57
C SER A 366 -1.38 -5.96 -25.00
N ARG A 367 -0.19 -6.26 -25.57
CA ARG A 367 1.00 -5.51 -25.19
C ARG A 367 1.30 -4.47 -26.26
N PRO A 368 1.54 -3.21 -25.89
CA PRO A 368 1.81 -2.20 -26.92
C PRO A 368 3.08 -2.54 -27.68
N GLY A 369 3.05 -2.34 -29.00
CA GLY A 369 4.17 -2.73 -29.84
C GLY A 369 5.35 -1.79 -29.74
N ALA A 370 6.50 -2.26 -30.24
CA ALA A 370 7.70 -1.45 -30.23
C ALA A 370 7.58 -0.31 -31.23
N PRO A 371 8.15 0.86 -30.92
CA PRO A 371 8.08 1.99 -31.88
C PRO A 371 8.79 1.72 -33.19
N GLY A 372 9.92 1.03 -33.16
CA GLY A 372 10.64 0.74 -34.39
C GLY A 372 11.11 2.02 -35.07
N SER A 373 10.74 2.15 -36.35
CA SER A 373 11.14 3.30 -37.16
C SER A 373 10.26 4.52 -36.93
N GLU A 374 9.13 4.38 -36.24
CA GLU A 374 8.26 5.50 -35.94
C GLU A 374 8.58 6.09 -34.58
N ALA A 375 8.08 7.31 -34.34
CA ALA A 375 8.23 7.92 -33.03
C ALA A 375 7.49 7.11 -31.97
N LYS A 376 6.26 6.69 -32.27
CA LYS A 376 5.44 5.92 -31.35
C LYS A 376 5.12 4.56 -31.96
N GLY A 377 4.95 3.56 -31.09
CA GLY A 377 4.45 2.27 -31.51
C GLY A 377 2.94 2.23 -31.59
N SER A 378 2.42 1.05 -31.92
CA SER A 378 0.98 0.84 -32.01
C SER A 378 0.30 1.05 -30.65
N SER A 379 -0.85 1.73 -30.67
CA SER A 379 -1.63 1.90 -29.46
C SER A 379 -2.57 0.71 -29.31
N VAL A 380 -2.66 0.15 -28.11
CA VAL A 380 -3.57 -0.95 -27.81
C VAL A 380 -4.45 -0.55 -26.63
N PHE A 381 -5.67 -1.11 -26.59
CA PHE A 381 -6.56 -0.91 -25.46
C PHE A 381 -6.41 -2.09 -24.49
N VAL A 382 -6.13 -1.76 -23.22
CA VAL A 382 -5.78 -2.77 -22.21
C VAL A 382 -6.68 -2.57 -21.01
N ALA A 383 -7.12 -3.68 -20.41
CA ALA A 383 -7.72 -3.66 -19.09
C ALA A 383 -7.03 -4.70 -18.22
N PRO A 384 -6.76 -4.39 -16.95
CA PRO A 384 -6.98 -3.09 -16.29
C PRO A 384 -6.07 -1.98 -16.81
N ALA A 385 -6.48 -0.73 -16.58
CA ALA A 385 -5.58 0.41 -16.72
C ALA A 385 -4.37 0.25 -15.81
N PHE A 386 -3.31 1.01 -16.09
CA PHE A 386 -2.09 0.87 -15.29
C PHE A 386 -2.34 1.20 -13.83
N LEU A 387 -3.27 2.11 -13.52
CA LEU A 387 -3.59 2.38 -12.12
C LEU A 387 -4.21 1.17 -11.42
N GLY A 388 -4.65 0.17 -12.16
CA GLY A 388 -4.77 -1.17 -11.60
C GLY A 388 -6.19 -1.55 -11.25
N ALA A 389 -6.40 -2.87 -11.17
CA ALA A 389 -7.64 -3.38 -10.59
C ALA A 389 -7.74 -2.98 -9.13
N LYS A 390 -6.62 -2.94 -8.43
CA LYS A 390 -6.49 -2.29 -7.13
C LYS A 390 -5.13 -1.62 -7.10
N ASN A 391 -5.06 -0.47 -6.42
CA ASN A 391 -3.79 0.23 -6.27
C ASN A 391 -3.30 0.12 -4.82
N TRP A 392 -2.77 1.22 -4.27
CA TRP A 392 -2.12 1.20 -2.95
C TRP A 392 -3.09 0.80 -1.84
N MET A 393 -4.37 1.08 -2.03
CA MET A 393 -5.29 1.10 -0.89
C MET A 393 -5.58 -0.31 -0.41
N PRO A 394 -5.40 -0.59 0.88
CA PRO A 394 -5.39 -1.98 1.34
C PRO A 394 -6.77 -2.57 1.49
N MET A 395 -6.87 -3.85 1.13
CA MET A 395 -8.04 -4.66 1.42
C MET A 395 -8.00 -5.11 2.88
N ALA A 396 -9.13 -5.66 3.34
CA ALA A 396 -9.25 -6.12 4.73
C ALA A 396 -9.80 -7.53 4.75
N TYR A 397 -9.44 -8.28 5.78
CA TYR A 397 -9.90 -9.65 5.97
C TYR A 397 -10.78 -9.73 7.21
N ASN A 398 -11.99 -10.28 7.06
CA ASN A 398 -12.88 -10.50 8.20
C ASN A 398 -12.78 -11.95 8.62
N LYS A 399 -12.33 -12.18 9.87
CA LYS A 399 -12.11 -13.54 10.35
C LYS A 399 -13.42 -14.31 10.49
N ASP A 400 -14.54 -13.60 10.69
CA ASP A 400 -15.81 -14.27 10.91
C ASP A 400 -16.45 -14.70 9.59
N THR A 401 -16.44 -13.84 8.58
CA THR A 401 -16.99 -14.24 7.28
C THR A 401 -15.99 -15.02 6.45
N GLY A 402 -14.69 -14.88 6.76
CA GLY A 402 -13.68 -15.52 5.94
C GLY A 402 -13.46 -14.85 4.61
N LEU A 403 -13.95 -13.64 4.42
CA LEU A 403 -13.87 -12.95 3.13
C LEU A 403 -12.85 -11.82 3.19
N PHE A 404 -12.30 -11.50 2.03
CA PHE A 404 -11.52 -10.29 1.81
C PHE A 404 -12.42 -9.23 1.19
N TYR A 405 -12.24 -7.98 1.62
CA TYR A 405 -13.04 -6.86 1.14
C TYR A 405 -12.12 -5.93 0.36
N VAL A 406 -12.32 -5.87 -0.94
CA VAL A 406 -11.34 -5.37 -1.90
C VAL A 406 -11.87 -4.07 -2.52
N PRO A 407 -11.16 -2.94 -2.36
CA PRO A 407 -11.56 -1.72 -3.07
C PRO A 407 -11.02 -1.70 -4.50
N SER A 408 -11.82 -2.14 -5.46
CA SER A 408 -11.33 -2.35 -6.81
C SER A 408 -11.84 -1.26 -7.75
N ASN A 409 -11.25 -1.22 -8.95
CA ASN A 409 -11.64 -0.25 -9.96
C ASN A 409 -11.76 -0.94 -11.31
N GLU A 410 -12.78 -0.52 -12.09
CA GLU A 410 -13.03 -1.01 -13.45
C GLU A 410 -12.67 0.10 -14.44
N TRP A 411 -11.53 -0.03 -15.09
N TRP A 411 -11.52 -0.03 -15.10
CA TRP A 411 -11.12 0.94 -16.11
CA TRP A 411 -11.12 0.93 -16.10
C TRP A 411 -10.09 0.30 -17.03
C TRP A 411 -10.10 0.29 -17.03
N GLY A 412 -9.98 0.87 -18.23
CA GLY A 412 -9.00 0.43 -19.19
C GLY A 412 -8.14 1.58 -19.65
N MET A 413 -7.34 1.36 -20.68
CA MET A 413 -6.46 2.42 -21.14
C MET A 413 -6.07 2.18 -22.59
N ASP A 414 -5.92 3.26 -23.35
CA ASP A 414 -5.06 3.24 -24.52
C ASP A 414 -3.62 3.40 -24.03
N ILE A 415 -2.72 2.61 -24.59
CA ILE A 415 -1.32 2.73 -24.20
C ILE A 415 -0.45 2.45 -25.40
N TRP A 416 0.64 3.20 -25.52
CA TRP A 416 1.61 2.99 -26.58
C TRP A 416 3.00 3.20 -25.99
N ASN A 417 4.01 2.76 -26.72
CA ASN A 417 5.39 2.86 -26.26
C ASN A 417 6.19 3.76 -27.21
N GLU A 418 7.28 4.30 -26.67
CA GLU A 418 8.15 5.23 -27.39
C GLU A 418 9.57 5.06 -26.85
N GLY A 419 10.54 5.57 -27.59
CA GLY A 419 11.91 5.53 -27.12
C GLY A 419 12.07 6.38 -25.86
N ILE A 420 13.03 5.98 -25.03
CA ILE A 420 13.31 6.70 -23.79
C ILE A 420 14.75 6.42 -23.39
N ALA A 421 15.52 7.48 -23.14
CA ALA A 421 16.87 7.36 -22.62
C ALA A 421 16.85 7.76 -21.15
N TYR A 422 17.55 7.00 -20.33
CA TYR A 422 17.60 7.32 -18.91
C TYR A 422 18.36 8.62 -18.68
N LYS A 423 17.76 9.53 -17.92
CA LYS A 423 18.45 10.71 -17.40
C LYS A 423 18.20 10.77 -15.90
N LYS A 424 19.27 10.84 -15.12
N LYS A 424 19.27 10.84 -15.12
CA LYS A 424 19.18 10.84 -13.67
CA LYS A 424 19.16 10.84 -13.67
C LYS A 424 18.23 11.95 -13.19
C LYS A 424 18.23 11.94 -13.19
N GLY A 425 17.21 11.54 -12.42
CA GLY A 425 16.27 12.48 -11.86
C GLY A 425 15.07 12.80 -12.73
N ALA A 426 15.04 12.32 -13.96
CA ALA A 426 13.94 12.58 -14.86
C ALA A 426 13.05 11.35 -15.00
N ALA A 427 11.80 11.59 -15.42
CA ALA A 427 10.88 10.49 -15.66
C ALA A 427 11.47 9.50 -16.66
N PHE A 428 11.14 8.22 -16.47
CA PHE A 428 11.76 7.14 -17.20
C PHE A 428 10.66 6.18 -17.66
N LEU A 429 9.75 6.69 -18.50
CA LEU A 429 8.56 5.94 -18.88
C LEU A 429 8.72 5.27 -20.24
N GLY A 430 8.83 6.06 -21.31
CA GLY A 430 8.79 5.47 -22.63
C GLY A 430 7.41 4.98 -23.02
N ALA A 431 6.37 5.61 -22.50
CA ALA A 431 5.00 5.22 -22.83
C ALA A 431 4.11 6.45 -22.79
N GLY A 432 3.05 6.44 -23.61
CA GLY A 432 1.96 7.38 -23.50
C GLY A 432 0.67 6.62 -23.25
N PHE A 433 -0.37 7.29 -22.78
CA PHE A 433 -1.53 6.53 -22.30
C PHE A 433 -2.72 7.46 -22.08
N THR A 434 -3.91 6.88 -22.13
CA THR A 434 -5.13 7.57 -21.74
C THR A 434 -6.01 6.55 -21.02
N ILE A 435 -6.25 6.76 -19.73
CA ILE A 435 -7.15 5.90 -18.98
C ILE A 435 -8.58 6.24 -19.31
N LYS A 436 -9.42 5.21 -19.48
CA LYS A 436 -10.81 5.39 -19.87
C LYS A 436 -11.71 4.51 -19.02
N PRO A 437 -12.94 4.95 -18.74
CA PRO A 437 -13.87 4.10 -18.00
C PRO A 437 -14.32 2.91 -18.85
N LEU A 438 -14.65 1.81 -18.18
CA LEU A 438 -15.29 0.70 -18.87
C LEU A 438 -16.82 0.76 -18.78
N ASN A 439 -17.34 1.59 -17.89
CA ASN A 439 -18.77 1.68 -17.63
C ASN A 439 -19.15 3.14 -17.44
N GLU A 440 -20.33 3.48 -17.94
CA GLU A 440 -20.78 4.87 -17.90
C GLU A 440 -21.02 5.34 -16.47
N ASP A 441 -21.60 4.49 -15.64
CA ASP A 441 -22.17 4.91 -14.36
C ASP A 441 -21.30 4.62 -13.15
N TYR A 442 -20.19 3.89 -13.31
CA TYR A 442 -19.38 3.56 -12.14
C TYR A 442 -17.96 3.22 -12.57
N ILE A 443 -17.03 3.36 -11.62
CA ILE A 443 -15.65 2.91 -11.78
C ILE A 443 -15.27 2.05 -10.58
N GLY A 444 -15.40 2.61 -9.38
CA GLY A 444 -15.04 1.86 -8.19
C GLY A 444 -16.06 0.76 -7.89
N VAL A 445 -15.55 -0.37 -7.41
CA VAL A 445 -16.40 -1.50 -7.00
C VAL A 445 -15.79 -2.09 -5.73
N LEU A 446 -16.49 -1.97 -4.61
CA LEU A 446 -16.09 -2.68 -3.40
C LEU A 446 -16.59 -4.11 -3.49
N ARG A 447 -15.68 -5.08 -3.37
CA ARG A 447 -16.03 -6.48 -3.61
C ARG A 447 -15.64 -7.35 -2.41
N ALA A 448 -16.55 -8.24 -2.02
CA ALA A 448 -16.24 -9.29 -1.05
C ALA A 448 -15.81 -10.54 -1.80
N ILE A 449 -14.61 -11.04 -1.49
CA ILE A 449 -14.00 -12.16 -2.19
C ILE A 449 -13.79 -13.30 -1.21
N ASP A 450 -14.26 -14.50 -1.59
CA ASP A 450 -13.97 -15.71 -0.83
C ASP A 450 -12.68 -16.30 -1.36
N PRO A 451 -11.58 -16.25 -0.60
CA PRO A 451 -10.29 -16.72 -1.15
C PRO A 451 -10.14 -18.22 -1.19
N VAL A 452 -11.05 -18.97 -0.60
CA VAL A 452 -10.99 -20.42 -0.62
C VAL A 452 -11.76 -20.99 -1.80
N SER A 453 -13.00 -20.52 -1.99
CA SER A 453 -13.79 -20.93 -3.14
C SER A 453 -13.43 -20.18 -4.41
N GLY A 454 -12.76 -19.04 -4.31
CA GLY A 454 -12.45 -18.24 -5.48
C GLY A 454 -13.63 -17.50 -6.05
N LYS A 455 -14.61 -17.14 -5.22
CA LYS A 455 -15.88 -16.59 -5.67
C LYS A 455 -16.08 -15.19 -5.12
N GLU A 456 -16.71 -14.33 -5.92
CA GLU A 456 -17.17 -13.04 -5.41
C GLU A 456 -18.50 -13.24 -4.70
N VAL A 457 -18.60 -12.70 -3.49
CA VAL A 457 -19.82 -12.88 -2.69
C VAL A 457 -20.77 -11.70 -2.87
N TRP A 458 -20.26 -10.48 -2.88
CA TRP A 458 -21.09 -9.31 -3.19
C TRP A 458 -20.22 -8.20 -3.77
N ARG A 459 -20.90 -7.20 -4.34
CA ARG A 459 -20.22 -6.05 -4.93
C ARG A 459 -21.06 -4.80 -4.68
N HIS A 460 -20.37 -3.67 -4.53
CA HIS A 460 -21.03 -2.37 -4.39
C HIS A 460 -20.33 -1.37 -5.29
N LYS A 461 -21.08 -0.75 -6.19
CA LYS A 461 -20.51 0.14 -7.19
C LYS A 461 -20.46 1.59 -6.69
N ASN A 462 -19.47 2.33 -7.17
CA ASN A 462 -19.28 3.73 -6.85
C ASN A 462 -19.02 4.51 -8.14
N TYR A 463 -19.57 5.72 -8.23
CA TYR A 463 -19.39 6.51 -9.46
C TYR A 463 -17.93 6.83 -9.70
N ALA A 464 -17.25 7.41 -8.71
CA ALA A 464 -15.83 7.68 -8.81
C ALA A 464 -15.05 6.40 -8.57
N PRO A 465 -13.76 6.36 -8.93
CA PRO A 465 -12.91 5.24 -8.49
C PRO A 465 -12.92 5.15 -6.97
N LEU A 466 -12.62 3.98 -6.45
CA LEU A 466 -12.28 3.85 -5.05
C LEU A 466 -10.77 4.07 -4.92
N TRP A 467 -10.37 4.76 -3.85
CA TRP A 467 -8.94 5.00 -3.64
C TRP A 467 -8.56 4.96 -2.16
N GLY A 468 -9.35 4.30 -1.32
CA GLY A 468 -9.13 4.32 0.10
C GLY A 468 -9.06 2.92 0.70
N GLY A 469 -8.33 2.82 1.82
CA GLY A 469 -8.19 1.54 2.50
C GLY A 469 -9.47 1.08 3.17
N VAL A 470 -9.48 -0.20 3.56
CA VAL A 470 -10.67 -0.83 4.11
C VAL A 470 -10.39 -1.27 5.56
N LEU A 471 -11.45 -1.24 6.38
CA LEU A 471 -11.45 -1.77 7.74
C LEU A 471 -12.65 -2.69 7.88
N THR A 472 -12.49 -3.80 8.58
CA THR A 472 -13.63 -4.65 8.90
C THR A 472 -13.57 -5.03 10.38
N THR A 473 -14.73 -5.35 10.95
CA THR A 473 -14.83 -5.57 12.39
C THR A 473 -15.70 -6.76 12.72
N LYS A 474 -15.57 -7.24 13.96
CA LYS A 474 -16.38 -8.32 14.48
C LYS A 474 -17.86 -7.96 14.55
N GLY A 475 -18.21 -6.68 14.42
CA GLY A 475 -19.59 -6.25 14.42
C GLY A 475 -20.27 -6.38 13.07
N ASN A 476 -19.68 -7.18 12.18
CA ASN A 476 -20.22 -7.44 10.84
C ASN A 476 -20.24 -6.18 10.00
N LEU A 477 -19.21 -5.35 10.15
CA LEU A 477 -19.11 -4.07 9.45
C LEU A 477 -17.88 -4.03 8.57
N VAL A 478 -17.99 -3.29 7.47
CA VAL A 478 -16.88 -2.97 6.57
C VAL A 478 -16.91 -1.47 6.32
N PHE A 479 -15.80 -0.79 6.60
CA PHE A 479 -15.69 0.66 6.43
C PHE A 479 -14.71 0.99 5.31
N THR A 480 -15.06 1.96 4.47
CA THR A 480 -14.09 2.49 3.52
C THR A 480 -14.58 3.87 3.05
N GLY A 481 -13.65 4.67 2.55
CA GLY A 481 -13.97 6.00 2.07
C GLY A 481 -14.14 6.05 0.57
N THR A 482 -14.77 7.13 0.10
CA THR A 482 -14.92 7.37 -1.33
C THR A 482 -14.44 8.77 -1.68
N PRO A 483 -14.03 8.97 -2.94
CA PRO A 483 -13.63 10.33 -3.35
C PRO A 483 -14.76 11.33 -3.26
N GLU A 484 -16.01 10.86 -3.32
CA GLU A 484 -17.17 11.74 -3.11
C GLU A 484 -17.19 12.33 -1.71
N GLY A 485 -16.35 11.86 -0.80
CA GLY A 485 -16.20 12.47 0.51
C GLY A 485 -16.73 11.64 1.66
N PHE A 486 -17.38 10.51 1.40
CA PHE A 486 -18.03 9.75 2.45
C PHE A 486 -17.08 8.76 3.09
N LEU A 487 -17.16 8.64 4.41
CA LEU A 487 -16.80 7.38 5.07
C LEU A 487 -18.07 6.54 5.07
N GLN A 488 -17.97 5.32 4.56
CA GLN A 488 -19.14 4.47 4.38
C GLN A 488 -18.95 3.16 5.14
N ALA A 489 -20.05 2.61 5.64
CA ALA A 489 -20.06 1.33 6.33
C ALA A 489 -21.05 0.40 5.64
N PHE A 490 -20.65 -0.86 5.51
CA PHE A 490 -21.46 -1.88 4.85
C PHE A 490 -21.60 -3.09 5.74
N ASN A 491 -22.70 -3.80 5.56
CA ASN A 491 -22.89 -5.13 6.13
C ASN A 491 -21.88 -6.08 5.52
N ALA A 492 -21.04 -6.70 6.37
CA ALA A 492 -19.96 -7.53 5.84
C ALA A 492 -20.45 -8.78 5.14
N LYS A 493 -21.66 -9.25 5.45
CA LYS A 493 -22.19 -10.45 4.83
C LYS A 493 -22.92 -10.17 3.52
N THR A 494 -23.58 -9.02 3.41
CA THR A 494 -24.47 -8.75 2.29
C THR A 494 -24.00 -7.63 1.37
N GLY A 495 -23.16 -6.72 1.87
CA GLY A 495 -22.76 -5.56 1.11
C GLY A 495 -23.74 -4.40 1.10
N ASP A 496 -24.87 -4.52 1.79
CA ASP A 496 -25.80 -3.40 1.90
C ASP A 496 -25.14 -2.25 2.66
N LYS A 497 -25.30 -1.02 2.17
CA LYS A 497 -24.77 0.11 2.92
C LYS A 497 -25.62 0.33 4.17
N VAL A 498 -24.97 0.56 5.30
CA VAL A 498 -25.68 0.72 6.57
C VAL A 498 -25.44 2.08 7.22
N TRP A 499 -24.44 2.85 6.76
CA TRP A 499 -24.15 4.15 7.37
C TRP A 499 -23.18 4.90 6.47
N GLU A 500 -23.25 6.23 6.51
CA GLU A 500 -22.19 7.00 5.88
C GLU A 500 -22.19 8.42 6.45
N PHE A 501 -21.06 9.10 6.26
CA PHE A 501 -20.91 10.50 6.67
C PHE A 501 -20.07 11.25 5.64
N GLN A 502 -20.58 12.42 5.22
CA GLN A 502 -19.91 13.29 4.26
C GLN A 502 -18.86 14.15 4.99
N THR A 503 -17.57 13.80 4.83
CA THR A 503 -16.47 14.53 5.47
C THR A 503 -16.07 15.80 4.74
N GLY A 504 -16.52 15.99 3.50
CA GLY A 504 -16.23 17.22 2.79
C GLY A 504 -15.02 17.17 1.88
N SER A 505 -14.26 16.07 1.89
CA SER A 505 -13.26 15.87 0.85
C SER A 505 -13.04 14.37 0.71
N GLY A 506 -12.62 13.95 -0.49
CA GLY A 506 -12.42 12.54 -0.77
C GLY A 506 -11.62 11.84 0.30
N VAL A 507 -12.08 10.64 0.71
CA VAL A 507 -11.48 9.91 1.81
C VAL A 507 -10.60 8.78 1.26
N LEU A 508 -9.29 8.88 1.52
CA LEU A 508 -8.33 7.85 1.16
C LEU A 508 -7.81 7.05 2.33
N GLY A 509 -7.85 7.60 3.54
CA GLY A 509 -7.20 6.94 4.66
C GLY A 509 -7.84 5.61 4.98
N SER A 510 -7.01 4.67 5.42
CA SER A 510 -7.56 3.41 5.95
C SER A 510 -8.18 3.67 7.31
N PRO A 511 -9.44 3.32 7.51
CA PRO A 511 -10.07 3.59 8.81
C PRO A 511 -9.49 2.71 9.91
N VAL A 512 -9.59 3.21 11.14
CA VAL A 512 -9.10 2.49 12.31
C VAL A 512 -10.18 2.60 13.40
N THR A 513 -10.20 1.63 14.30
CA THR A 513 -11.18 1.64 15.39
C THR A 513 -10.52 1.10 16.65
N TRP A 514 -10.94 1.64 17.79
CA TRP A 514 -10.37 1.29 19.08
C TRP A 514 -11.37 1.71 20.15
N GLU A 515 -11.09 1.32 21.41
CA GLU A 515 -11.99 1.57 22.51
C GLU A 515 -11.34 2.47 23.56
N MET A 516 -12.11 3.44 24.07
CA MET A 516 -11.68 4.31 25.15
C MET A 516 -12.86 4.57 26.06
N ASP A 517 -12.62 4.42 27.37
CA ASP A 517 -13.65 4.68 28.38
C ASP A 517 -14.93 3.89 28.08
N GLY A 518 -14.77 2.67 27.58
CA GLY A 518 -15.89 1.80 27.31
C GLY A 518 -16.72 2.15 26.08
N GLU A 519 -16.22 3.02 25.21
CA GLU A 519 -16.90 3.40 23.96
C GLU A 519 -16.01 3.12 22.77
N GLN A 520 -16.63 2.68 21.67
CA GLN A 520 -15.88 2.39 20.45
C GLN A 520 -15.79 3.64 19.58
N TYR A 521 -14.58 3.93 19.13
CA TYR A 521 -14.26 5.05 18.25
C TYR A 521 -13.90 4.53 16.87
N VAL A 522 -14.17 5.34 15.85
CA VAL A 522 -13.72 5.08 14.48
C VAL A 522 -13.12 6.37 13.95
N SER A 523 -11.95 6.26 13.31
N SER A 523 -11.97 6.26 13.28
CA SER A 523 -11.29 7.46 12.78
CA SER A 523 -11.28 7.44 12.79
C SER A 523 -10.85 7.21 11.35
C SER A 523 -10.79 7.21 11.36
N VAL A 524 -10.76 8.29 10.58
CA VAL A 524 -10.24 8.23 9.22
C VAL A 524 -9.69 9.60 8.85
N VAL A 525 -8.72 9.60 7.93
N VAL A 525 -8.68 9.62 7.98
CA VAL A 525 -8.13 10.81 7.39
CA VAL A 525 -8.20 10.89 7.46
C VAL A 525 -8.78 11.12 6.05
C VAL A 525 -8.85 11.13 6.10
N SER A 526 -9.09 12.40 5.82
CA SER A 526 -9.80 12.83 4.61
C SER A 526 -8.96 13.89 3.89
N GLY A 527 -9.12 13.94 2.57
CA GLY A 527 -8.34 14.85 1.75
C GLY A 527 -8.03 14.17 0.43
N TRP A 528 -8.69 14.63 -0.64
CA TRP A 528 -8.66 13.94 -1.93
C TRP A 528 -7.31 14.16 -2.62
N GLY A 529 -6.80 13.09 -3.24
CA GLY A 529 -5.54 13.18 -3.95
C GLY A 529 -5.08 11.81 -4.40
N GLY A 530 -3.76 11.64 -4.48
CA GLY A 530 -3.19 10.43 -5.03
C GLY A 530 -3.00 10.54 -6.52
N ALA A 531 -2.84 9.39 -7.18
CA ALA A 531 -2.46 9.38 -8.60
C ALA A 531 -3.59 9.81 -9.54
N VAL A 532 -4.85 9.64 -9.17
CA VAL A 532 -5.93 9.79 -10.17
C VAL A 532 -5.99 11.19 -10.78
N PRO A 533 -5.90 12.29 -10.01
CA PRO A 533 -6.04 13.61 -10.67
C PRO A 533 -5.06 13.85 -11.80
N LEU A 534 -3.78 13.43 -11.70
CA LEU A 534 -2.84 13.74 -12.76
C LEU A 534 -2.54 12.57 -13.70
N TRP A 535 -2.90 11.34 -13.32
CA TRP A 535 -2.66 10.19 -14.18
C TRP A 535 -3.93 9.58 -14.74
N GLY A 536 -5.10 10.01 -14.28
CA GLY A 536 -6.35 9.32 -14.51
C GLY A 536 -7.04 9.53 -15.84
N GLY A 537 -6.48 10.35 -16.73
CA GLY A 537 -7.04 10.47 -18.08
C GLY A 537 -8.49 10.92 -18.07
N GLU A 538 -9.31 10.22 -18.87
CA GLU A 538 -10.73 10.58 -18.95
C GLU A 538 -11.42 10.37 -17.61
N VAL A 539 -10.95 9.41 -16.82
CA VAL A 539 -11.57 9.17 -15.53
C VAL A 539 -11.26 10.30 -14.57
N ALA A 540 -10.07 10.89 -14.66
CA ALA A 540 -9.78 12.07 -13.83
C ALA A 540 -10.79 13.18 -14.09
N LYS A 541 -11.26 13.29 -15.32
CA LYS A 541 -12.24 14.33 -15.64
C LYS A 541 -13.54 14.15 -14.88
N ARG A 542 -13.90 12.91 -14.55
CA ARG A 542 -15.09 12.65 -13.74
C ARG A 542 -15.00 13.33 -12.38
N VAL A 543 -13.81 13.37 -11.80
CA VAL A 543 -13.63 13.81 -10.43
C VAL A 543 -12.92 15.16 -10.35
N LYS A 544 -12.90 15.90 -11.47
CA LYS A 544 -12.08 17.10 -11.53
C LYS A 544 -12.57 18.18 -10.57
N ASP A 545 -13.86 18.20 -10.25
CA ASP A 545 -14.41 19.22 -9.35
C ASP A 545 -14.45 18.80 -7.89
N PHE A 546 -13.78 17.70 -7.52
CA PHE A 546 -13.73 17.25 -6.14
C PHE A 546 -12.66 18.03 -5.38
N ASN A 547 -13.05 18.76 -4.34
CA ASN A 547 -12.15 19.69 -3.66
C ASN A 547 -11.14 18.97 -2.77
N GLN A 548 -9.98 19.59 -2.62
CA GLN A 548 -8.94 19.10 -1.72
C GLN A 548 -9.35 19.30 -0.26
N GLY A 549 -8.58 18.66 0.62
CA GLY A 549 -8.82 18.77 2.04
C GLY A 549 -7.61 18.27 2.81
N GLY A 550 -7.80 18.07 4.10
CA GLY A 550 -6.71 17.57 4.93
C GLY A 550 -7.16 17.61 6.37
N MET A 551 -7.76 16.52 6.83
CA MET A 551 -8.42 16.55 8.13
C MET A 551 -8.50 15.14 8.70
N LEU A 552 -8.24 15.04 10.00
CA LEU A 552 -8.50 13.81 10.75
C LEU A 552 -9.90 13.88 11.34
N TRP A 553 -10.70 12.84 11.09
CA TRP A 553 -12.08 12.74 11.54
C TRP A 553 -12.20 11.63 12.59
N THR A 554 -12.88 11.91 13.70
CA THR A 554 -13.03 10.89 14.73
C THR A 554 -14.49 10.80 15.11
N PHE A 555 -15.01 9.57 15.07
CA PHE A 555 -16.40 9.24 15.33
C PHE A 555 -16.48 8.36 16.56
N LYS A 556 -17.65 8.34 17.20
CA LYS A 556 -17.83 7.51 18.38
C LYS A 556 -19.26 7.01 18.44
N LEU A 557 -19.43 5.82 19.01
CA LEU A 557 -20.74 5.31 19.38
C LEU A 557 -20.95 5.58 20.86
N PRO A 558 -21.87 6.47 21.25
CA PRO A 558 -22.07 6.74 22.68
C PRO A 558 -22.48 5.49 23.44
N LYS A 559 -21.92 5.34 24.64
CA LYS A 559 -22.14 4.14 25.45
C LYS A 559 -23.62 3.84 25.65
N GLN A 560 -24.43 4.87 25.92
CA GLN A 560 -25.83 4.64 26.25
C GLN A 560 -26.67 4.24 25.04
N LEU A 561 -26.13 4.34 23.82
CA LEU A 561 -26.81 3.95 22.59
C LEU A 561 -26.30 2.63 22.01
N GLN A 562 -25.47 1.92 22.75
CA GLN A 562 -24.84 0.74 22.16
C GLN A 562 -25.76 -0.48 22.18
N GLN A 563 -26.62 -0.60 23.19
CA GLN A 563 -27.53 -1.75 23.30
C GLN A 563 -28.60 -1.75 22.21
N1 PQQ B . 1.24 5.93 -5.60
C2 PQQ B . -0.09 6.09 -5.88
C2X PQQ B . -1.03 6.83 -4.95
O2A PQQ B . -0.62 6.97 -3.77
O2B PQQ B . -2.15 7.22 -5.35
C3 PQQ B . -0.43 5.47 -7.07
C3A PQQ B . 0.72 4.90 -7.53
C1A PQQ B . 1.76 5.20 -6.63
C4 PQQ B . 0.98 4.11 -8.79
O4 PQQ B . 0.07 3.89 -9.54
C5 PQQ B . 2.31 3.65 -9.03
O5 PQQ B . 2.61 3.00 -9.99
C6A PQQ B . 3.40 3.97 -8.06
N6 PQQ B . 4.67 3.53 -8.33
C7 PQQ B . 5.66 3.82 -7.44
C7X PQQ B . 6.90 3.16 -8.02
O7A PQQ B . 7.97 3.33 -7.39
O7B PQQ B . 6.84 2.48 -9.08
C8 PQQ B . 5.41 4.56 -6.27
C9 PQQ B . 4.14 5.01 -6.02
C9X PQQ B . 4.32 5.73 -4.68
O9A PQQ B . 5.42 5.85 -4.10
O9B PQQ B . 3.30 6.16 -4.09
C9A PQQ B . 3.15 4.71 -6.91
PR PR C . 4.82 2.29 -10.64
#